data_4ODS
#
_entry.id   4ODS
#
_cell.length_a   135.611
_cell.length_b   44.330
_cell.length_c   85.362
_cell.angle_alpha   90.00
_cell.angle_beta   111.56
_cell.angle_gamma   90.00
#
_symmetry.space_group_name_H-M   'C 1 2 1'
#
loop_
_entity.id
_entity.type
_entity.pdbx_description
1 polymer 'S55-3 Fab (IgG2b) heavy chain'
2 polymer 'S55-3 Fab (IgG2b) heavy chain'
3 water water
#
loop_
_entity_poly.entity_id
_entity_poly.type
_entity_poly.pdbx_seq_one_letter_code
_entity_poly.pdbx_strand_id
1 'polypeptide(L)'
;EVQLVESGGDLVKPGGSLKLSCAGSGITFSGYGMSWVRQTPDKSLEWVALISNGGSYAYYSDSVKGRFTISRDNAKNTLY
LQMSSLRSDDTAIYYCARHKGLRGGTNAMDYWGQGTSVTVSSAKTTPPSVYPLAPGCGDTTGSSVTLGCLVKGYFPESVT
VTWNSGSLSSSVHTFPALLQSGLYTMSSSVTVPSSTWPSETVTCSVAHPASSTTVDKKLEPS
;
H
2 'polypeptide(L)'
;DIVLTQSPASLAVSLGQRATIFCRASETVDSYGNSFMHWYQQKPGQPPKLLIYRASNLESGIPARFSGSGSRTDFTLTIN
PVEADDVATYYCQQSNEDPRTFGGGTKLEIKRADAAPTVSIFPPSSEQLTSGGASVVCFLNNFYPKDINVKWKIDGSERQ
NGVLNSWTDQNSKDSTYSMSSTLTLTKDEYERHNSYTCEATHKTSTSPIVKSFNRNEC
;
L
#
# COMPACT_ATOMS: atom_id res chain seq x y z
N GLU A 1 5.51 -15.59 2.55
CA GLU A 1 4.12 -15.07 2.56
C GLU A 1 3.35 -15.89 3.57
N VAL A 2 3.49 -17.20 3.40
CA VAL A 2 3.32 -18.19 4.46
C VAL A 2 4.71 -18.84 4.70
N GLN A 3 5.40 -19.18 3.63
CA GLN A 3 6.69 -19.89 3.64
C GLN A 3 7.85 -19.18 4.34
N LEU A 4 7.96 -17.87 4.16
CA LEU A 4 9.00 -17.08 4.80
C LEU A 4 8.36 -16.10 5.75
N VAL A 5 9.01 -15.87 6.89
CA VAL A 5 8.45 -14.99 7.90
C VAL A 5 9.54 -14.06 8.46
N GLU A 6 9.42 -12.79 8.11
CA GLU A 6 10.30 -11.76 8.63
C GLU A 6 9.86 -11.34 10.03
N SER A 7 10.81 -10.96 10.86
CA SER A 7 10.54 -10.36 12.17
C SER A 7 11.67 -9.43 12.55
N GLY A 8 11.40 -8.55 13.52
CA GLY A 8 12.46 -7.70 14.05
C GLY A 8 12.26 -6.23 13.74
N GLY A 9 11.35 -5.92 12.81
CA GLY A 9 11.09 -4.55 12.46
C GLY A 9 10.64 -3.72 13.64
N ASP A 10 11.07 -2.45 13.70
CA ASP A 10 10.86 -1.64 14.90
C ASP A 10 11.15 -0.17 14.61
N LEU A 11 10.74 0.68 15.54
CA LEU A 11 11.10 2.09 15.52
C LEU A 11 12.53 2.20 16.06
N VAL A 12 13.35 3.01 15.41
CA VAL A 12 14.75 3.14 15.78
C VAL A 12 15.22 4.58 15.62
N LYS A 13 16.02 5.03 16.56
CA LYS A 13 16.58 6.38 16.51
C LYS A 13 17.59 6.50 15.35
N PRO A 14 17.63 7.66 14.66
CA PRO A 14 18.61 7.88 13.60
C PRO A 14 20.03 7.71 14.13
N GLY A 15 20.85 6.99 13.38
CA GLY A 15 22.19 6.63 13.81
C GLY A 15 22.22 5.30 14.48
N GLY A 16 21.06 4.75 14.83
CA GLY A 16 21.00 3.48 15.57
C GLY A 16 21.19 2.25 14.72
N SER A 17 21.04 1.10 15.37
CA SER A 17 21.25 -0.22 14.76
C SER A 17 20.09 -1.17 15.07
N LEU A 18 19.89 -2.20 14.26
CA LEU A 18 18.76 -3.13 14.38
C LEU A 18 19.05 -4.40 13.61
N LYS A 19 18.50 -5.52 14.07
CA LYS A 19 18.76 -6.78 13.40
C LYS A 19 17.48 -7.50 13.01
N LEU A 20 17.27 -7.69 11.70
CA LEU A 20 16.09 -8.42 11.23
C LEU A 20 16.42 -9.90 11.05
N SER A 21 15.38 -10.70 11.19
CA SER A 21 15.43 -12.14 11.00
C SER A 21 14.39 -12.57 9.98
N CYS A 22 14.63 -13.72 9.34
CA CYS A 22 13.71 -14.31 8.37
C CYS A 22 13.79 -15.83 8.48
N ALA A 23 12.67 -16.43 8.85
CA ALA A 23 12.61 -17.85 9.13
C ALA A 23 11.80 -18.57 8.07
N GLY A 24 12.31 -19.71 7.60
CA GLY A 24 11.53 -20.57 6.73
C GLY A 24 10.56 -21.39 7.57
N SER A 25 9.30 -21.45 7.14
CA SER A 25 8.34 -22.37 7.71
C SER A 25 7.77 -23.20 6.58
N GLY A 26 8.23 -24.45 6.51
CA GLY A 26 7.79 -25.39 5.49
C GLY A 26 8.71 -25.41 4.28
N ILE A 27 9.80 -24.65 4.32
CA ILE A 27 10.80 -24.71 3.25
C ILE A 27 12.21 -24.50 3.83
N THR A 28 13.20 -25.04 3.14
CA THR A 28 14.59 -24.98 3.58
C THR A 28 15.35 -23.96 2.75
N PHE A 29 16.27 -23.27 3.42
CA PHE A 29 17.16 -22.34 2.77
C PHE A 29 18.40 -23.04 2.21
N SER A 30 18.66 -24.25 2.70
CA SER A 30 19.83 -25.01 2.28
C SER A 30 19.78 -25.26 0.79
N GLY A 31 20.86 -24.88 0.13
CA GLY A 31 20.99 -24.96 -1.32
C GLY A 31 20.69 -23.69 -2.12
N TYR A 32 20.09 -22.67 -1.49
CA TYR A 32 19.59 -21.52 -2.25
C TYR A 32 20.27 -20.20 -1.89
N GLY A 33 20.44 -19.34 -2.89
CA GLY A 33 20.81 -17.95 -2.66
C GLY A 33 19.60 -17.25 -2.04
N MET A 34 19.84 -16.13 -1.37
CA MET A 34 18.73 -15.36 -0.79
C MET A 34 19.01 -13.87 -0.84
N SER A 35 17.93 -13.09 -0.79
CA SER A 35 17.99 -11.66 -0.89
C SER A 35 17.11 -11.01 0.17
N TRP A 36 17.47 -9.79 0.54
CA TRP A 36 16.61 -8.87 1.22
C TRP A 36 16.26 -7.79 0.20
N VAL A 37 14.98 -7.41 0.13
CA VAL A 37 14.54 -6.23 -0.61
C VAL A 37 13.60 -5.40 0.26
N ARG A 38 13.48 -4.13 -0.05
CA ARG A 38 12.65 -3.24 0.77
C ARG A 38 11.74 -2.37 -0.08
N GLN A 39 10.59 -2.00 0.47
CA GLN A 39 9.73 -1.01 -0.17
C GLN A 39 9.62 0.17 0.76
N THR A 40 10.12 1.33 0.36
CA THR A 40 10.00 2.55 1.15
C THR A 40 8.62 3.16 0.94
N PRO A 41 8.24 4.18 1.76
CA PRO A 41 6.89 4.73 1.67
C PRO A 41 6.60 5.43 0.34
N ASP A 42 7.62 5.97 -0.32
CA ASP A 42 7.76 5.76 -1.77
C ASP A 42 8.87 6.39 -2.56
N LYS A 43 9.97 5.65 -2.50
CA LYS A 43 10.76 5.37 -3.65
C LYS A 43 10.18 4.04 -4.19
N SER A 44 10.77 3.56 -5.26
CA SER A 44 10.33 2.35 -5.90
C SER A 44 10.94 1.17 -5.16
N LEU A 45 10.36 -0.02 -5.32
CA LEU A 45 10.94 -1.28 -4.81
C LEU A 45 12.47 -1.36 -4.95
N GLU A 46 13.16 -1.69 -3.87
CA GLU A 46 14.62 -1.63 -3.87
C GLU A 46 15.24 -2.92 -3.38
N TRP A 47 16.11 -3.46 -4.22
CA TRP A 47 16.91 -4.61 -3.82
C TRP A 47 18.05 -4.09 -2.96
N VAL A 48 18.36 -4.78 -1.87
CA VAL A 48 19.43 -4.27 -1.00
C VAL A 48 20.58 -5.23 -0.71
N ALA A 49 20.33 -6.55 -0.72
CA ALA A 49 21.42 -7.50 -0.44
C ALA A 49 21.10 -8.94 -0.80
N LEU A 50 22.13 -9.69 -1.19
CA LEU A 50 22.03 -11.14 -1.40
C LEU A 50 23.23 -11.86 -0.79
N ILE A 51 23.04 -13.15 -0.60
CA ILE A 51 24.08 -13.98 -0.01
C ILE A 51 23.96 -15.36 -0.65
N SER A 52 25.11 -15.97 -0.92
CA SER A 52 25.18 -17.29 -1.50
C SER A 52 24.72 -18.34 -0.50
N ASN A 53 24.34 -19.48 -1.03
CA ASN A 53 24.03 -20.63 -0.22
C ASN A 53 25.01 -20.88 0.94
N GLY A 54 26.30 -21.01 0.62
CA GLY A 54 27.37 -21.28 1.62
C GLY A 54 27.79 -20.07 2.44
N GLY A 55 27.48 -18.86 1.95
CA GLY A 55 27.67 -17.66 2.75
C GLY A 55 28.97 -16.94 2.50
N SER A 56 29.85 -17.51 1.68
CA SER A 56 31.14 -16.88 1.40
C SER A 56 31.07 -15.79 0.33
N TYR A 57 29.88 -15.55 -0.22
CA TYR A 57 29.68 -14.45 -1.14
C TYR A 57 28.43 -13.69 -0.73
N ALA A 58 28.53 -12.36 -0.75
CA ALA A 58 27.41 -11.47 -0.48
C ALA A 58 27.61 -10.19 -1.28
N TYR A 59 26.53 -9.48 -1.57
CA TYR A 59 26.65 -8.25 -2.34
C TYR A 59 25.52 -7.33 -1.90
N TYR A 60 25.78 -6.02 -1.95
CA TYR A 60 24.87 -5.00 -1.40
C TYR A 60 24.64 -3.93 -2.42
N SER A 61 23.49 -3.26 -2.34
CA SER A 61 23.29 -2.04 -3.07
C SER A 61 24.25 -0.99 -2.49
N ASP A 62 24.66 -0.04 -3.32
CA ASP A 62 25.43 1.10 -2.84
C ASP A 62 24.74 1.80 -1.70
N SER A 63 23.42 1.94 -1.82
CA SER A 63 22.60 2.58 -0.78
C SER A 63 22.86 2.03 0.64
N VAL A 64 23.15 0.73 0.78
CA VAL A 64 23.35 0.13 2.13
C VAL A 64 24.75 -0.41 2.39
N LYS A 65 25.58 -0.47 1.33
CA LYS A 65 26.94 -0.99 1.42
C LYS A 65 27.65 -0.29 2.59
N GLY A 66 28.34 -1.06 3.41
CA GLY A 66 29.10 -0.49 4.53
C GLY A 66 28.27 -0.36 5.81
N ARG A 67 26.95 -0.24 5.66
CA ARG A 67 26.05 -0.09 6.82
C ARG A 67 25.39 -1.40 7.21
N PHE A 68 24.98 -2.20 6.21
CA PHE A 68 24.19 -3.40 6.47
C PHE A 68 25.05 -4.65 6.31
N THR A 69 24.72 -5.71 7.04
CA THR A 69 25.37 -6.99 6.87
C THR A 69 24.36 -8.12 6.71
N ILE A 70 24.42 -8.82 5.59
CA ILE A 70 23.57 -10.01 5.40
C ILE A 70 24.33 -11.22 5.90
N SER A 71 23.60 -12.13 6.53
CA SER A 71 24.19 -13.37 7.00
C SER A 71 23.10 -14.39 7.09
N ARG A 72 23.47 -15.65 7.28
CA ARG A 72 22.51 -16.74 7.29
C ARG A 72 22.94 -17.91 8.16
N ASP A 73 21.98 -18.75 8.49
CA ASP A 73 22.25 -19.95 9.24
C ASP A 73 21.36 -21.04 8.73
N ASN A 74 21.92 -21.88 7.87
CA ASN A 74 21.15 -22.92 7.20
C ASN A 74 20.70 -24.02 8.13
N ALA A 75 21.47 -24.27 9.17
CA ALA A 75 21.06 -25.22 10.20
C ALA A 75 19.74 -24.76 10.83
N LYS A 76 19.70 -23.52 11.31
CA LYS A 76 18.49 -22.97 11.95
C LYS A 76 17.46 -22.48 10.93
N ASN A 77 17.81 -22.52 9.65
CA ASN A 77 16.88 -22.19 8.58
C ASN A 77 16.44 -20.72 8.68
N THR A 78 17.44 -19.85 8.80
CA THR A 78 17.23 -18.44 9.09
C THR A 78 18.20 -17.53 8.31
N LEU A 79 17.67 -16.39 7.88
CA LEU A 79 18.45 -15.33 7.25
C LEU A 79 18.37 -14.08 8.11
N TYR A 80 19.41 -13.25 8.08
CA TYR A 80 19.51 -12.05 8.92
C TYR A 80 19.95 -10.83 8.16
N LEU A 81 19.61 -9.67 8.69
CA LEU A 81 20.13 -8.43 8.16
C LEU A 81 20.43 -7.45 9.30
N GLN A 82 21.74 -7.28 9.57
CA GLN A 82 22.23 -6.38 10.56
C GLN A 82 22.28 -4.98 9.98
N MET A 83 21.60 -4.06 10.64
CA MET A 83 21.53 -2.71 10.15
C MET A 83 22.25 -1.83 11.15
N SER A 84 22.93 -0.81 10.65
CA SER A 84 23.64 0.14 11.50
C SER A 84 23.69 1.47 10.79
N SER A 85 24.14 2.50 11.51
CA SER A 85 24.09 3.86 10.98
C SER A 85 22.79 4.10 10.21
N LEU A 86 21.67 3.73 10.83
CA LEU A 86 20.36 3.87 10.25
C LEU A 86 20.03 5.33 10.00
N ARG A 87 19.39 5.58 8.87
CA ARG A 87 18.97 6.93 8.53
C ARG A 87 17.51 6.94 8.20
N SER A 88 16.95 8.14 8.20
CA SER A 88 15.56 8.39 7.91
C SER A 88 15.02 7.56 6.74
N ASP A 89 15.78 7.57 5.64
CA ASP A 89 15.33 6.90 4.42
C ASP A 89 15.58 5.38 4.36
N ASP A 90 16.01 4.80 5.47
CA ASP A 90 16.00 3.37 5.64
C ASP A 90 14.62 2.89 6.09
N THR A 91 13.75 3.85 6.41
CA THR A 91 12.38 3.53 6.77
C THR A 91 11.74 2.79 5.59
N ALA A 92 11.31 1.55 5.85
CA ALA A 92 10.71 0.70 4.80
C ALA A 92 10.15 -0.63 5.32
N ILE A 93 9.39 -1.32 4.47
CA ILE A 93 9.00 -2.70 4.74
C ILE A 93 10.10 -3.56 4.11
N TYR A 94 10.69 -4.47 4.88
CA TYR A 94 11.82 -5.32 4.44
C TYR A 94 11.33 -6.73 4.21
N TYR A 95 11.59 -7.26 3.02
CA TYR A 95 11.16 -8.61 2.68
C TYR A 95 12.41 -9.46 2.48
N CYS A 96 12.29 -10.75 2.83
CA CYS A 96 13.27 -11.71 2.44
C CYS A 96 12.64 -12.63 1.38
N ALA A 97 13.51 -13.13 0.52
CA ALA A 97 13.11 -13.90 -0.61
C ALA A 97 14.17 -14.96 -0.90
N ARG A 98 13.69 -16.17 -1.20
CA ARG A 98 14.58 -17.23 -1.63
C ARG A 98 14.60 -17.25 -3.16
N HIS A 99 15.81 -17.30 -3.68
CA HIS A 99 16.05 -17.41 -5.09
C HIS A 99 15.65 -18.80 -5.53
N LYS A 100 15.09 -18.92 -6.73
CA LYS A 100 14.92 -20.23 -7.35
C LYS A 100 16.28 -20.92 -7.37
N GLY A 101 16.28 -22.23 -7.56
CA GLY A 101 17.50 -23.01 -7.48
C GLY A 101 17.91 -23.68 -8.77
N LEU A 102 17.47 -23.16 -9.91
CA LEU A 102 17.89 -23.71 -11.21
C LEU A 102 19.38 -23.62 -11.46
N ARG A 103 19.90 -24.66 -12.11
CA ARG A 103 21.27 -24.68 -12.57
C ARG A 103 21.40 -23.76 -13.78
N GLY A 104 22.61 -23.54 -14.24
CA GLY A 104 22.83 -22.80 -15.48
C GLY A 104 22.76 -21.29 -15.37
N GLY A 105 23.18 -20.79 -14.21
CA GLY A 105 23.23 -19.36 -13.92
C GLY A 105 22.35 -18.96 -12.74
N THR A 106 22.08 -17.66 -12.69
CA THR A 106 21.41 -17.05 -11.56
C THR A 106 19.91 -17.20 -11.66
N ASN A 107 19.24 -16.78 -10.60
CA ASN A 107 17.86 -17.07 -10.45
C ASN A 107 17.05 -15.87 -9.99
N ALA A 108 15.76 -15.93 -10.28
CA ALA A 108 14.80 -14.97 -9.80
C ALA A 108 14.40 -15.33 -8.40
N MET A 109 13.76 -14.38 -7.74
CA MET A 109 13.25 -14.58 -6.39
C MET A 109 11.83 -15.10 -6.47
N ASP A 110 11.61 -16.37 -6.12
CA ASP A 110 10.27 -16.95 -6.24
C ASP A 110 9.47 -17.01 -4.92
N TYR A 111 10.12 -17.18 -3.79
CA TYR A 111 9.41 -17.24 -2.51
C TYR A 111 9.72 -15.96 -1.72
N TRP A 112 8.68 -15.27 -1.27
CA TRP A 112 8.78 -14.01 -0.58
C TRP A 112 8.04 -14.08 0.75
N GLY A 113 8.53 -13.36 1.77
CA GLY A 113 7.81 -13.16 3.03
C GLY A 113 6.72 -12.10 2.92
N GLN A 114 5.98 -11.88 4.01
CA GLN A 114 4.98 -10.79 4.08
C GLN A 114 5.64 -9.46 4.40
N GLY A 115 6.83 -9.50 4.99
CA GLY A 115 7.59 -8.29 5.27
C GLY A 115 7.57 -7.92 6.76
N THR A 116 8.50 -7.08 7.17
CA THR A 116 8.52 -6.52 8.51
C THR A 116 8.86 -5.05 8.38
N SER A 117 8.15 -4.24 9.15
CA SER A 117 8.24 -2.79 9.02
C SER A 117 9.29 -2.17 9.96
N VAL A 118 10.17 -1.33 9.38
CA VAL A 118 11.21 -0.63 10.11
C VAL A 118 11.00 0.86 9.96
N THR A 119 11.02 1.60 11.07
CA THR A 119 10.91 3.07 10.98
C THR A 119 12.07 3.70 11.70
N VAL A 120 12.68 4.68 11.06
CA VAL A 120 13.85 5.36 11.60
C VAL A 120 13.46 6.82 11.76
N SER A 121 13.36 7.24 13.02
CA SER A 121 12.77 8.52 13.37
C SER A 121 13.02 8.78 14.84
N SER A 122 13.01 10.06 15.22
CA SER A 122 13.15 10.45 16.63
C SER A 122 11.79 10.71 17.29
N ALA A 123 10.68 10.48 16.57
CA ALA A 123 9.34 10.58 17.16
C ALA A 123 9.02 9.33 17.99
N LYS A 124 7.99 9.41 18.83
CA LYS A 124 7.69 8.32 19.78
C LYS A 124 6.46 7.54 19.35
N THR A 125 6.46 6.26 19.67
CA THR A 125 5.33 5.41 19.43
C THR A 125 4.11 5.91 20.16
N THR A 126 2.98 5.95 19.45
CA THR A 126 1.72 6.50 19.95
C THR A 126 0.59 5.66 19.39
N PRO A 127 -0.31 5.15 20.25
CA PRO A 127 -1.45 4.39 19.74
C PRO A 127 -2.53 5.28 19.13
N PRO A 128 -3.39 4.71 18.28
CA PRO A 128 -4.47 5.48 17.63
C PRO A 128 -5.68 5.74 18.52
N SER A 129 -6.33 6.87 18.31
CA SER A 129 -7.70 7.07 18.77
C SER A 129 -8.60 6.63 17.62
N VAL A 130 -9.68 5.91 17.92
CA VAL A 130 -10.57 5.41 16.90
C VAL A 130 -11.94 5.99 17.13
N TYR A 131 -12.42 6.72 16.12
CA TYR A 131 -13.72 7.40 16.15
C TYR A 131 -14.64 6.82 15.09
N PRO A 132 -15.89 6.51 15.46
CA PRO A 132 -16.85 6.00 14.51
C PRO A 132 -17.31 7.07 13.54
N LEU A 133 -17.50 6.66 12.29
CA LEU A 133 -18.15 7.48 11.26
C LEU A 133 -19.51 6.88 10.98
N ALA A 134 -20.56 7.56 11.43
CA ALA A 134 -21.94 7.09 11.24
C ALA A 134 -22.77 8.24 10.69
N PRO A 135 -23.82 7.91 9.90
CA PRO A 135 -24.59 8.99 9.29
C PRO A 135 -25.19 9.93 10.35
N GLY A 136 -25.26 11.22 10.05
CA GLY A 136 -25.99 12.16 10.91
C GLY A 136 -27.45 11.76 11.11
N CYS A 137 -28.05 12.13 12.24
CA CYS A 137 -29.45 11.79 12.56
C CYS A 137 -30.48 12.29 11.51
N GLY A 138 -30.12 13.31 10.74
CA GLY A 138 -30.97 13.84 9.69
C GLY A 138 -30.77 13.27 8.29
N ASP A 139 -29.93 12.25 8.15
CA ASP A 139 -29.57 11.70 6.85
C ASP A 139 -30.78 11.01 6.21
N THR A 140 -31.06 11.34 4.94
CA THR A 140 -32.11 10.65 4.19
C THR A 140 -31.62 9.25 3.85
N THR A 141 -32.09 8.27 4.61
CA THR A 141 -31.66 6.90 4.42
C THR A 141 -31.96 6.40 3.01
N GLY A 142 -31.01 5.65 2.45
CA GLY A 142 -31.13 5.08 1.13
C GLY A 142 -31.18 3.57 1.21
N SER A 143 -30.96 2.95 0.06
CA SER A 143 -30.99 1.51 -0.07
C SER A 143 -29.92 0.86 0.82
N SER A 144 -28.70 1.37 0.68
CA SER A 144 -27.57 0.91 1.51
C SER A 144 -27.07 2.07 2.38
N VAL A 145 -26.11 1.77 3.25
CA VAL A 145 -25.57 2.77 4.17
C VAL A 145 -24.03 2.59 4.31
N THR A 146 -23.32 3.70 4.31
CA THR A 146 -21.87 3.69 4.39
C THR A 146 -21.47 4.14 5.79
N LEU A 147 -20.57 3.36 6.39
CA LEU A 147 -20.08 3.55 7.74
C LEU A 147 -18.57 3.54 7.65
N GLY A 148 -17.91 4.09 8.66
CA GLY A 148 -16.45 4.13 8.67
C GLY A 148 -15.86 4.25 10.06
N CYS A 149 -14.53 4.19 10.11
CA CYS A 149 -13.78 4.47 11.32
C CYS A 149 -12.65 5.40 10.98
N LEU A 150 -12.49 6.42 11.80
CA LEU A 150 -11.44 7.39 11.63
C LEU A 150 -10.41 7.00 12.68
N VAL A 151 -9.19 6.76 12.22
CA VAL A 151 -8.09 6.24 13.04
C VAL A 151 -7.04 7.32 13.04
N LYS A 152 -6.91 7.98 14.20
CA LYS A 152 -6.21 9.26 14.26
C LYS A 152 -5.09 9.28 15.27
N GLY A 153 -4.00 9.94 14.89
CA GLY A 153 -2.94 10.32 15.81
C GLY A 153 -1.98 9.23 16.27
N TYR A 154 -1.64 8.30 15.37
CA TYR A 154 -0.79 7.17 15.75
C TYR A 154 0.59 7.29 15.09
N PHE A 155 1.51 6.49 15.62
CA PHE A 155 2.88 6.46 15.12
C PHE A 155 3.58 5.24 15.71
N PRO A 156 4.43 4.58 14.91
CA PRO A 156 4.68 4.73 13.48
C PRO A 156 3.58 4.02 12.68
N GLU A 157 3.80 3.83 11.39
CA GLU A 157 2.93 2.98 10.59
C GLU A 157 3.18 1.51 10.95
N SER A 158 2.21 0.62 10.73
CA SER A 158 0.88 0.95 10.23
C SER A 158 -0.15 0.28 11.11
N VAL A 159 -1.39 0.39 10.69
CA VAL A 159 -2.49 -0.21 11.39
C VAL A 159 -3.24 -1.09 10.43
N THR A 160 -4.09 -1.92 10.97
CA THR A 160 -4.97 -2.77 10.20
C THR A 160 -6.33 -2.65 10.81
N VAL A 161 -7.32 -2.26 10.00
CA VAL A 161 -8.70 -2.25 10.43
C VAL A 161 -9.40 -3.51 9.95
N THR A 162 -10.16 -4.16 10.82
CA THR A 162 -10.89 -5.35 10.47
C THR A 162 -12.37 -5.15 10.83
N TRP A 163 -13.22 -5.19 9.81
CA TRP A 163 -14.67 -5.02 9.99
C TRP A 163 -15.39 -6.36 10.23
N ASN A 164 -16.03 -6.54 11.39
CA ASN A 164 -16.76 -7.80 11.72
C ASN A 164 -15.99 -9.10 11.45
N SER A 165 -14.71 -9.15 11.81
CA SER A 165 -13.78 -10.21 11.33
C SER A 165 -13.70 -10.20 9.78
N GLY A 166 -13.94 -11.31 9.11
CA GLY A 166 -13.90 -11.34 7.64
C GLY A 166 -15.10 -10.68 6.98
N SER A 170 -14.23 -6.46 2.00
CA SER A 170 -15.14 -6.91 0.94
C SER A 170 -15.80 -5.71 0.22
N SER A 171 -16.67 -4.98 0.92
CA SER A 171 -17.14 -3.68 0.45
C SER A 171 -16.31 -2.53 1.11
N VAL A 172 -15.06 -2.83 1.46
CA VAL A 172 -14.23 -1.94 2.28
C VAL A 172 -13.39 -1.04 1.40
N HIS A 173 -13.16 0.18 1.87
CA HIS A 173 -12.16 1.07 1.30
C HIS A 173 -11.22 1.47 2.40
N THR A 174 -9.93 1.54 2.06
CA THR A 174 -8.88 1.84 3.01
C THR A 174 -8.16 3.08 2.51
N PHE A 175 -8.32 4.18 3.21
CA PHE A 175 -7.76 5.44 2.76
C PHE A 175 -6.36 5.56 3.34
N PRO A 176 -5.34 5.67 2.47
CA PRO A 176 -3.97 5.67 2.97
C PRO A 176 -3.71 6.74 4.00
N ALA A 177 -2.85 6.41 4.96
CA ALA A 177 -2.57 7.29 6.07
C ALA A 177 -1.82 8.53 5.59
N LEU A 178 -2.11 9.69 6.17
CA LEU A 178 -1.35 10.90 5.92
C LEU A 178 -0.69 11.39 7.20
N LEU A 179 0.56 11.81 7.07
CA LEU A 179 1.34 12.32 8.19
C LEU A 179 0.90 13.73 8.52
N GLN A 180 0.56 13.95 9.79
CA GLN A 180 -0.09 15.16 10.24
C GLN A 180 0.53 15.58 11.57
N SER A 181 1.47 16.53 11.54
CA SER A 181 2.13 17.05 12.73
C SER A 181 2.80 15.94 13.48
N GLY A 182 3.61 15.15 12.80
CA GLY A 182 4.30 14.01 13.40
C GLY A 182 3.46 12.75 13.61
N LEU A 183 2.17 12.79 13.32
CA LEU A 183 1.30 11.65 13.57
C LEU A 183 0.42 11.29 12.38
N TYR A 184 0.18 9.99 12.18
CA TYR A 184 -0.62 9.52 11.06
C TYR A 184 -2.12 9.51 11.36
N THR A 185 -2.91 9.79 10.33
CA THR A 185 -4.35 9.56 10.37
C THR A 185 -4.74 8.80 9.09
N MET A 186 -5.62 7.82 9.25
CA MET A 186 -6.20 7.12 8.12
C MET A 186 -7.64 6.87 8.45
N SER A 187 -8.39 6.35 7.50
CA SER A 187 -9.76 5.92 7.78
C SER A 187 -10.13 4.75 6.89
N SER A 188 -11.18 4.06 7.28
CA SER A 188 -11.64 2.88 6.58
C SER A 188 -13.17 2.96 6.50
N SER A 189 -13.75 2.59 5.35
CA SER A 189 -15.19 2.52 5.22
C SER A 189 -15.67 1.16 4.78
N VAL A 190 -16.95 0.97 5.03
CA VAL A 190 -17.63 -0.22 4.62
C VAL A 190 -19.03 0.22 4.26
N THR A 191 -19.58 -0.39 3.23
CA THR A 191 -20.93 -0.10 2.79
C THR A 191 -21.75 -1.37 2.88
N VAL A 192 -22.97 -1.21 3.33
CA VAL A 192 -23.77 -2.33 3.75
C VAL A 192 -25.27 -1.99 3.49
N PRO A 193 -26.13 -2.99 3.26
CA PRO A 193 -27.54 -2.64 3.03
C PRO A 193 -28.22 -2.07 4.27
N SER A 194 -29.08 -1.06 4.07
CA SER A 194 -29.82 -0.41 5.17
C SER A 194 -30.58 -1.40 6.05
N SER A 195 -31.07 -2.47 5.42
CA SER A 195 -31.75 -3.57 6.12
C SER A 195 -30.86 -4.30 7.14
N THR A 196 -29.54 -4.23 7.00
CA THR A 196 -28.69 -4.96 7.95
C THR A 196 -27.98 -4.11 9.04
N TRP A 197 -27.91 -2.80 8.88
CA TRP A 197 -27.46 -1.92 10.00
C TRP A 197 -28.39 -0.71 10.10
N PRO A 198 -28.77 -0.31 11.33
CA PRO A 198 -28.32 -0.77 12.65
C PRO A 198 -29.00 -2.00 13.25
N SER A 199 -29.87 -2.68 12.49
CA SER A 199 -30.50 -3.90 12.98
C SER A 199 -29.45 -4.93 13.36
N GLU A 200 -28.33 -4.96 12.62
CA GLU A 200 -27.24 -5.87 12.93
C GLU A 200 -25.96 -5.12 13.34
N THR A 201 -25.18 -5.74 14.23
CA THR A 201 -23.97 -5.15 14.79
C THR A 201 -22.90 -4.90 13.74
N VAL A 202 -22.35 -3.69 13.71
CA VAL A 202 -21.16 -3.43 12.87
C VAL A 202 -20.07 -2.89 13.78
N THR A 203 -18.84 -3.37 13.58
CA THR A 203 -17.72 -3.15 14.49
C THR A 203 -16.44 -3.08 13.66
N CYS A 204 -15.62 -2.06 13.91
CA CYS A 204 -14.28 -1.97 13.32
C CYS A 204 -13.28 -2.25 14.44
N SER A 205 -12.32 -3.13 14.16
CA SER A 205 -11.28 -3.46 15.14
C SER A 205 -9.95 -3.01 14.55
N VAL A 206 -9.28 -2.12 15.25
CA VAL A 206 -8.06 -1.49 14.71
C VAL A 206 -6.82 -1.99 15.48
N ALA A 207 -5.90 -2.62 14.78
CA ALA A 207 -4.68 -3.14 15.42
C ALA A 207 -3.52 -2.19 15.12
N HIS A 208 -2.80 -1.76 16.15
CA HIS A 208 -1.55 -1.03 15.98
C HIS A 208 -0.47 -1.86 16.67
N PRO A 209 0.13 -2.80 15.94
CA PRO A 209 1.15 -3.67 16.54
C PRO A 209 2.27 -2.95 17.28
N ALA A 210 2.71 -1.82 16.77
CA ALA A 210 3.84 -1.11 17.36
C ALA A 210 3.58 -0.70 18.80
N SER A 211 2.32 -0.36 19.12
CA SER A 211 1.97 0.07 20.47
C SER A 211 1.26 -1.05 21.22
N SER A 212 1.24 -2.24 20.62
CA SER A 212 0.61 -3.43 21.17
C SER A 212 -0.90 -3.26 21.47
N THR A 213 -1.56 -2.45 20.66
CA THR A 213 -2.91 -1.99 20.91
C THR A 213 -3.96 -2.44 19.90
N THR A 214 -5.12 -2.83 20.39
CA THR A 214 -6.29 -3.09 19.57
C THR A 214 -7.41 -2.25 20.15
N VAL A 215 -8.01 -1.42 19.31
CA VAL A 215 -9.16 -0.57 19.66
C VAL A 215 -10.40 -1.03 18.86
N ASP A 216 -11.46 -1.45 19.56
CA ASP A 216 -12.77 -1.73 18.96
C ASP A 216 -13.52 -0.44 18.76
N LYS A 217 -14.43 -0.42 17.81
CA LYS A 217 -15.55 0.52 17.89
C LYS A 217 -16.80 -0.13 17.30
N LYS A 218 -17.84 -0.22 18.13
CA LYS A 218 -19.16 -0.60 17.70
C LYS A 218 -19.85 0.62 17.13
N LEU A 219 -20.28 0.53 15.88
CA LEU A 219 -20.97 1.64 15.22
C LEU A 219 -22.39 1.70 15.72
N GLU A 220 -22.73 2.76 16.45
CA GLU A 220 -24.10 2.94 16.89
C GLU A 220 -24.76 4.02 16.05
N PRO A 221 -26.07 3.96 15.78
CA PRO A 221 -26.64 5.07 15.02
C PRO A 221 -26.58 6.43 15.74
N SER A 222 -26.36 7.50 14.96
CA SER A 222 -26.45 8.88 15.41
C SER A 222 -27.93 9.17 15.56
N ASP B 1 27.93 -1.83 -13.03
CA ASP B 1 26.52 -1.93 -12.53
C ASP B 1 25.58 -1.74 -13.70
N ILE B 2 24.69 -2.71 -13.90
CA ILE B 2 23.72 -2.71 -14.99
C ILE B 2 22.51 -1.90 -14.53
N VAL B 3 22.23 -0.82 -15.26
CA VAL B 3 21.06 0.03 -14.99
C VAL B 3 19.89 -0.42 -15.88
N LEU B 4 18.71 -0.56 -15.28
CA LEU B 4 17.48 -0.92 -16.00
C LEU B 4 16.49 0.20 -16.13
N THR B 5 16.05 0.48 -17.35
CA THR B 5 15.14 1.59 -17.56
C THR B 5 13.85 1.03 -18.10
N GLN B 6 12.77 1.23 -17.33
CA GLN B 6 11.48 0.75 -17.73
C GLN B 6 10.76 1.83 -18.52
N SER B 7 9.90 1.41 -19.41
CA SER B 7 9.11 2.33 -20.21
C SER B 7 7.82 1.64 -20.64
N PRO B 8 6.68 2.34 -20.53
CA PRO B 8 6.54 3.64 -19.88
C PRO B 8 6.54 3.51 -18.37
N ALA B 9 6.61 4.63 -17.66
CA ALA B 9 6.54 4.61 -16.21
C ALA B 9 5.11 4.37 -15.75
N SER B 10 4.15 4.83 -16.57
CA SER B 10 2.72 4.76 -16.29
C SER B 10 2.02 4.41 -17.57
N LEU B 11 1.01 3.55 -17.49
CA LEU B 11 0.06 3.39 -18.61
C LEU B 11 -1.29 2.95 -18.14
N ALA B 12 -2.29 3.31 -18.93
CA ALA B 12 -3.66 2.99 -18.67
C ALA B 12 -4.14 2.15 -19.83
N VAL B 13 -4.72 1.01 -19.52
CA VAL B 13 -5.14 0.03 -20.54
C VAL B 13 -6.54 -0.42 -20.21
N SER B 14 -7.40 -0.52 -21.21
CA SER B 14 -8.77 -0.98 -20.99
C SER B 14 -8.81 -2.50 -20.81
N LEU B 15 -9.82 -2.97 -20.10
CA LEU B 15 -9.99 -4.41 -19.94
C LEU B 15 -10.08 -5.07 -21.31
N GLY B 16 -9.46 -6.23 -21.44
CA GLY B 16 -9.47 -6.97 -22.69
C GLY B 16 -8.42 -6.52 -23.69
N GLN B 17 -7.65 -5.48 -23.39
CA GLN B 17 -6.61 -4.99 -24.28
C GLN B 17 -5.23 -5.36 -23.81
N ARG B 18 -4.23 -4.98 -24.58
CA ARG B 18 -2.84 -5.36 -24.36
C ARG B 18 -2.08 -4.30 -23.59
N ALA B 19 -1.29 -4.71 -22.59
CA ALA B 19 -0.33 -3.82 -21.95
C ALA B 19 1.06 -4.31 -22.31
N THR B 20 1.87 -3.42 -22.85
CA THR B 20 3.23 -3.76 -23.25
C THR B 20 4.17 -2.95 -22.37
N ILE B 21 5.05 -3.62 -21.62
CA ILE B 21 6.00 -2.92 -20.74
C ILE B 21 7.42 -3.31 -21.16
N PHE B 22 8.27 -2.31 -21.41
CA PHE B 22 9.65 -2.51 -21.85
C PHE B 22 10.59 -2.32 -20.67
N CYS B 23 11.70 -3.04 -20.70
CA CYS B 23 12.77 -2.86 -19.74
C CYS B 23 14.05 -2.90 -20.55
N ARG B 24 14.82 -1.84 -20.46
CA ARG B 24 16.07 -1.74 -21.17
C ARG B 24 17.23 -1.82 -20.20
N ALA B 25 18.20 -2.67 -20.50
CA ALA B 25 19.44 -2.83 -19.70
C ALA B 25 20.62 -2.08 -20.32
N SER B 26 21.50 -1.57 -19.47
CA SER B 26 22.64 -0.79 -19.97
C SER B 26 23.71 -1.70 -20.56
N GLU B 27 23.76 -2.95 -20.11
CA GLU B 27 24.63 -3.99 -20.69
C GLU B 27 23.86 -5.28 -20.77
N THR B 28 24.33 -6.20 -21.61
CA THR B 28 23.61 -7.44 -21.85
C THR B 28 23.41 -8.23 -20.56
N VAL B 29 22.27 -8.90 -20.47
CA VAL B 29 21.97 -9.71 -19.31
C VAL B 29 21.92 -11.18 -19.70
N ASP B 30 22.54 -11.51 -20.84
CA ASP B 30 22.57 -12.88 -21.34
C ASP B 30 23.91 -13.53 -21.10
N SER B 31 23.89 -14.76 -20.59
CA SER B 31 25.08 -15.65 -20.58
C SER B 31 24.61 -17.11 -20.35
N TYR B 32 25.54 -18.07 -20.37
CA TYR B 32 25.18 -19.49 -20.08
C TYR B 32 24.13 -20.12 -20.99
N GLY B 33 23.86 -19.56 -22.14
CA GLY B 33 22.70 -20.07 -22.88
C GLY B 33 21.35 -19.61 -22.33
N ASN B 34 21.33 -18.49 -21.62
CA ASN B 34 20.11 -17.97 -21.03
C ASN B 34 20.14 -16.45 -20.90
N SER B 35 19.00 -15.92 -20.48
CA SER B 35 18.77 -14.49 -20.47
C SER B 35 18.23 -14.14 -19.08
N PHE B 36 18.98 -13.41 -18.26
CA PHE B 36 18.63 -13.31 -16.84
C PHE B 36 17.88 -12.03 -16.50
N MET B 37 16.71 -11.89 -17.12
CA MET B 37 15.80 -10.78 -16.82
C MET B 37 14.56 -11.40 -16.21
N HIS B 38 14.09 -10.83 -15.10
CA HIS B 38 13.01 -11.37 -14.34
C HIS B 38 11.95 -10.29 -14.15
N TRP B 39 10.69 -10.69 -14.09
CA TRP B 39 9.59 -9.74 -13.91
C TRP B 39 8.72 -10.08 -12.72
N TYR B 40 8.38 -9.04 -11.96
CA TYR B 40 7.61 -9.16 -10.73
C TYR B 40 6.46 -8.17 -10.77
N GLN B 41 5.39 -8.53 -10.07
CA GLN B 41 4.19 -7.74 -9.88
C GLN B 41 4.08 -7.36 -8.41
N GLN B 42 3.75 -6.11 -8.11
CA GLN B 42 3.56 -5.67 -6.73
C GLN B 42 2.22 -4.92 -6.58
N LYS B 43 1.30 -5.48 -5.81
CA LYS B 43 0.03 -4.83 -5.51
C LYS B 43 0.08 -4.16 -4.16
N PRO B 44 -0.65 -3.02 -4.00
CA PRO B 44 -0.62 -2.31 -2.71
C PRO B 44 -0.88 -3.24 -1.52
N GLY B 45 -0.03 -3.17 -0.50
CA GLY B 45 -0.16 -4.03 0.67
C GLY B 45 0.18 -5.50 0.49
N GLN B 46 0.92 -5.84 -0.56
CA GLN B 46 1.35 -7.23 -0.73
C GLN B 46 2.82 -7.27 -1.01
N PRO B 47 3.47 -8.40 -0.71
CA PRO B 47 4.83 -8.56 -1.17
C PRO B 47 4.87 -8.77 -2.66
N PRO B 48 5.99 -8.46 -3.30
CA PRO B 48 6.12 -8.75 -4.71
C PRO B 48 5.95 -10.23 -5.01
N LYS B 49 5.52 -10.47 -6.25
CA LYS B 49 5.27 -11.78 -6.76
C LYS B 49 5.98 -11.96 -8.09
N LEU B 50 6.78 -13.02 -8.18
CA LEU B 50 7.39 -13.44 -9.44
C LEU B 50 6.38 -13.79 -10.52
N LEU B 51 6.54 -13.20 -11.70
CA LEU B 51 5.71 -13.56 -12.86
C LEU B 51 6.48 -14.40 -13.88
N ILE B 52 7.60 -13.84 -14.33
CA ILE B 52 8.43 -14.42 -15.39
C ILE B 52 9.87 -14.49 -14.93
N TYR B 53 10.51 -15.66 -15.04
CA TYR B 53 11.94 -15.79 -14.80
C TYR B 53 12.72 -16.13 -16.06
N ARG B 54 13.95 -15.64 -16.09
CA ARG B 54 14.88 -15.83 -17.20
C ARG B 54 14.22 -15.50 -18.54
N ALA B 55 13.72 -14.26 -18.60
CA ALA B 55 13.06 -13.61 -19.75
C ALA B 55 11.71 -14.13 -20.22
N SER B 56 11.50 -15.44 -20.24
CA SER B 56 10.36 -15.96 -20.95
C SER B 56 9.65 -17.09 -20.23
N ASN B 57 10.11 -17.51 -19.06
CA ASN B 57 9.51 -18.65 -18.36
C ASN B 57 8.45 -18.19 -17.37
N LEU B 58 7.23 -18.68 -17.55
CA LEU B 58 6.13 -18.42 -16.62
C LEU B 58 6.32 -19.17 -15.34
N GLU B 59 6.32 -18.44 -14.24
CA GLU B 59 6.26 -19.06 -12.96
C GLU B 59 4.95 -19.84 -12.84
N SER B 60 5.04 -20.98 -12.16
CA SER B 60 3.91 -21.87 -11.95
C SER B 60 2.77 -21.13 -11.26
N GLY B 61 1.57 -21.30 -11.80
CA GLY B 61 0.38 -20.64 -11.30
C GLY B 61 0.17 -19.23 -11.82
N ILE B 62 1.16 -18.66 -12.51
CA ILE B 62 0.95 -17.38 -13.18
C ILE B 62 0.28 -17.64 -14.53
N PRO B 63 -0.82 -16.92 -14.82
CA PRO B 63 -1.55 -17.22 -16.04
C PRO B 63 -0.81 -16.82 -17.31
N ALA B 64 -1.16 -17.52 -18.37
CA ALA B 64 -0.54 -17.31 -19.65
C ALA B 64 -0.92 -15.96 -20.30
N ARG B 65 -1.84 -15.20 -19.69
CA ARG B 65 -2.06 -13.79 -20.10
C ARG B 65 -0.74 -12.98 -20.05
N PHE B 66 0.17 -13.41 -19.17
CA PHE B 66 1.49 -12.79 -19.04
C PHE B 66 2.52 -13.49 -19.90
N SER B 67 3.34 -12.72 -20.57
CA SER B 67 4.27 -13.26 -21.53
C SER B 67 5.51 -12.39 -21.53
N GLY B 68 6.67 -13.03 -21.50
CA GLY B 68 7.95 -12.35 -21.52
C GLY B 68 8.75 -12.68 -22.78
N SER B 69 9.38 -11.66 -23.36
CA SER B 69 10.27 -11.86 -24.48
C SER B 69 11.39 -10.83 -24.45
N GLY B 70 12.31 -10.98 -25.39
CA GLY B 70 13.44 -10.09 -25.51
C GLY B 70 14.72 -10.87 -25.35
N SER B 71 15.84 -10.15 -25.49
CA SER B 71 17.15 -10.72 -25.33
C SER B 71 18.13 -9.58 -25.22
N ARG B 72 19.31 -9.88 -24.68
CA ARG B 72 20.46 -9.00 -24.70
C ARG B 72 20.18 -7.79 -23.80
N THR B 73 19.73 -6.68 -24.34
CA THR B 73 19.47 -5.50 -23.51
C THR B 73 18.03 -5.00 -23.57
N ASP B 74 17.16 -5.70 -24.31
CA ASP B 74 15.83 -5.21 -24.61
C ASP B 74 14.80 -6.29 -24.33
N PHE B 75 13.95 -6.02 -23.35
CA PHE B 75 12.97 -7.00 -22.89
C PHE B 75 11.58 -6.40 -22.77
N THR B 76 10.57 -7.26 -22.89
CA THR B 76 9.19 -6.86 -22.86
C THR B 76 8.34 -7.83 -22.04
N LEU B 77 7.49 -7.26 -21.18
CA LEU B 77 6.45 -8.00 -20.49
C LEU B 77 5.19 -7.57 -21.17
N THR B 78 4.41 -8.55 -21.63
CA THR B 78 3.16 -8.29 -22.26
C THR B 78 2.04 -8.94 -21.46
N ILE B 79 1.04 -8.14 -21.10
CA ILE B 79 -0.17 -8.61 -20.42
C ILE B 79 -1.31 -8.47 -21.41
N ASN B 80 -1.86 -9.61 -21.83
CA ASN B 80 -2.85 -9.61 -22.88
C ASN B 80 -3.73 -10.85 -22.84
N PRO B 81 -5.02 -10.71 -22.50
CA PRO B 81 -5.76 -9.52 -22.18
C PRO B 81 -5.60 -9.07 -20.75
N VAL B 82 -5.61 -7.77 -20.54
CA VAL B 82 -5.56 -7.16 -19.20
C VAL B 82 -6.88 -7.43 -18.49
N GLU B 83 -6.81 -7.76 -17.21
CA GLU B 83 -7.97 -7.99 -16.38
C GLU B 83 -7.89 -7.01 -15.21
N ALA B 84 -9.03 -6.72 -14.56
CA ALA B 84 -9.14 -5.76 -13.45
C ALA B 84 -8.10 -5.95 -12.35
N ASP B 85 -7.84 -7.21 -12.02
CA ASP B 85 -6.91 -7.59 -11.00
C ASP B 85 -5.43 -7.35 -11.33
N ASP B 86 -5.13 -6.96 -12.57
CA ASP B 86 -3.77 -6.64 -12.97
C ASP B 86 -3.28 -5.29 -12.47
N VAL B 87 -4.17 -4.43 -11.96
CA VAL B 87 -3.70 -3.17 -11.34
C VAL B 87 -2.58 -3.45 -10.33
N ALA B 88 -1.42 -2.88 -10.59
CA ALA B 88 -0.18 -3.17 -9.88
C ALA B 88 0.93 -2.35 -10.44
N THR B 89 2.07 -2.38 -9.76
CA THR B 89 3.31 -1.94 -10.33
C THR B 89 4.12 -3.16 -10.72
N TYR B 90 4.74 -3.07 -11.89
CA TYR B 90 5.51 -4.14 -12.51
C TYR B 90 6.96 -3.75 -12.58
N TYR B 91 7.82 -4.65 -12.10
CA TYR B 91 9.23 -4.40 -12.05
C TYR B 91 10.00 -5.46 -12.82
N CYS B 92 11.03 -5.02 -13.53
CA CYS B 92 12.06 -5.92 -14.04
C CYS B 92 13.26 -5.92 -13.10
N GLN B 93 13.99 -7.01 -13.12
CA GLN B 93 15.25 -7.15 -12.40
C GLN B 93 16.14 -8.05 -13.22
N GLN B 94 17.42 -7.70 -13.33
CA GLN B 94 18.39 -8.62 -13.92
C GLN B 94 19.29 -9.24 -12.84
N SER B 95 19.75 -10.46 -13.11
CA SER B 95 20.69 -11.17 -12.24
C SER B 95 21.96 -11.64 -12.94
N ASN B 96 22.22 -11.13 -14.15
CA ASN B 96 23.42 -11.52 -14.86
C ASN B 96 24.69 -10.96 -14.19
N GLU B 97 24.54 -9.83 -13.52
CA GLU B 97 25.59 -9.27 -12.69
C GLU B 97 24.99 -8.77 -11.40
N ASP B 98 25.83 -8.74 -10.36
CA ASP B 98 25.47 -8.02 -9.13
C ASP B 98 26.05 -6.62 -9.25
N PRO B 99 25.36 -5.58 -8.71
CA PRO B 99 24.11 -5.61 -7.95
C PRO B 99 22.90 -5.87 -8.83
N ARG B 100 21.89 -6.51 -8.25
CA ARG B 100 20.67 -6.87 -8.94
C ARG B 100 19.63 -5.78 -8.77
N THR B 101 19.94 -4.62 -9.33
CA THR B 101 19.10 -3.46 -9.17
C THR B 101 17.81 -3.63 -9.98
N PHE B 102 16.66 -3.28 -9.38
CA PHE B 102 15.38 -3.27 -10.11
C PHE B 102 15.32 -2.11 -11.06
N GLY B 103 14.47 -2.23 -12.06
CA GLY B 103 14.01 -1.05 -12.79
C GLY B 103 13.17 -0.17 -11.86
N GLY B 104 12.85 1.05 -12.32
CA GLY B 104 12.04 2.00 -11.53
C GLY B 104 10.56 1.64 -11.39
N GLY B 105 10.09 0.65 -12.14
CA GLY B 105 8.71 0.17 -12.05
C GLY B 105 7.78 0.82 -13.07
N THR B 106 6.73 0.11 -13.44
CA THR B 106 5.73 0.63 -14.39
C THR B 106 4.37 0.45 -13.74
N LYS B 107 3.68 1.56 -13.48
CA LYS B 107 2.37 1.47 -12.82
C LYS B 107 1.28 1.28 -13.87
N LEU B 108 0.54 0.19 -13.76
CA LEU B 108 -0.52 -0.10 -14.68
C LEU B 108 -1.85 0.29 -14.06
N GLU B 109 -2.57 1.15 -14.78
CA GLU B 109 -3.88 1.65 -14.42
C GLU B 109 -4.86 1.02 -15.41
N ILE B 110 -6.01 0.58 -14.91
CA ILE B 110 -7.08 0.06 -15.78
C ILE B 110 -7.91 1.24 -16.26
N LYS B 111 -8.01 1.42 -17.58
CA LYS B 111 -8.90 2.44 -18.14
C LYS B 111 -10.28 1.88 -18.12
N ARG B 112 -11.23 2.73 -17.76
CA ARG B 112 -12.63 2.37 -17.77
C ARG B 112 -13.47 3.62 -18.00
N ALA B 113 -14.77 3.39 -18.20
CA ALA B 113 -15.73 4.46 -18.51
C ALA B 113 -15.79 5.49 -17.38
N ASP B 114 -15.73 6.77 -17.73
CA ASP B 114 -15.85 7.86 -16.76
C ASP B 114 -17.00 7.59 -15.80
N ALA B 115 -16.79 7.84 -14.51
CA ALA B 115 -17.88 7.67 -13.50
C ALA B 115 -17.92 8.76 -12.43
N ALA B 116 -19.11 9.24 -12.11
CA ALA B 116 -19.29 10.29 -11.09
C ALA B 116 -19.21 9.69 -9.66
N PRO B 117 -18.72 10.47 -8.70
CA PRO B 117 -18.54 9.95 -7.35
C PRO B 117 -19.83 9.91 -6.55
N THR B 118 -19.91 8.97 -5.62
CA THR B 118 -20.91 8.95 -4.53
C THR B 118 -20.38 9.66 -3.29
N VAL B 119 -21.13 10.63 -2.74
CA VAL B 119 -20.64 11.40 -1.60
C VAL B 119 -21.40 11.04 -0.34
N SER B 120 -20.67 10.79 0.75
CA SER B 120 -21.19 10.60 2.09
C SER B 120 -20.52 11.60 3.05
N ILE B 121 -21.29 12.20 3.95
CA ILE B 121 -20.73 13.16 4.93
C ILE B 121 -20.99 12.65 6.34
N PHE B 122 -20.02 12.88 7.22
CA PHE B 122 -20.06 12.34 8.59
C PHE B 122 -19.69 13.43 9.59
N PRO B 123 -20.62 13.75 10.50
CA PRO B 123 -20.27 14.65 11.58
C PRO B 123 -19.25 14.00 12.53
N PRO B 124 -18.54 14.83 13.30
CA PRO B 124 -17.67 14.33 14.36
C PRO B 124 -18.47 13.45 15.31
N SER B 125 -17.87 12.39 15.81
CA SER B 125 -18.52 11.52 16.80
C SER B 125 -18.57 12.27 18.13
N SER B 126 -19.58 11.97 18.92
CA SER B 126 -19.58 12.35 20.35
C SER B 126 -18.25 12.12 21.03
N GLU B 127 -17.64 10.96 20.75
CA GLU B 127 -16.40 10.60 21.46
C GLU B 127 -15.32 11.57 21.14
N GLN B 128 -15.18 11.93 19.86
CA GLN B 128 -14.14 12.90 19.51
C GLN B 128 -14.42 14.26 20.14
N LEU B 129 -15.69 14.66 20.11
CA LEU B 129 -16.08 15.95 20.66
C LEU B 129 -15.79 16.01 22.15
N THR B 130 -16.27 15.01 22.89
CA THR B 130 -15.96 14.87 24.32
C THR B 130 -14.45 15.01 24.59
N SER B 131 -13.61 14.60 23.64
CA SER B 131 -12.16 14.73 23.77
C SER B 131 -11.55 16.05 23.27
N GLY B 132 -12.36 17.02 22.81
CA GLY B 132 -11.82 18.37 22.47
C GLY B 132 -11.57 18.64 21.00
N GLY B 133 -11.74 17.61 20.17
CA GLY B 133 -11.52 17.74 18.74
C GLY B 133 -12.78 17.55 17.93
N ALA B 134 -12.69 17.88 16.65
CA ALA B 134 -13.79 17.67 15.73
C ALA B 134 -13.26 17.52 14.31
N SER B 135 -13.48 16.35 13.73
CA SER B 135 -13.12 16.11 12.35
C SER B 135 -14.40 15.78 11.63
N VAL B 136 -14.63 16.50 10.53
CA VAL B 136 -15.75 16.26 9.68
C VAL B 136 -15.17 15.54 8.48
N VAL B 137 -15.81 14.44 8.10
CA VAL B 137 -15.27 13.56 7.08
C VAL B 137 -16.28 13.37 5.98
N CYS B 138 -15.74 13.46 4.77
CA CYS B 138 -16.50 13.21 3.59
C CYS B 138 -15.82 12.12 2.76
N PHE B 139 -16.57 11.11 2.33
CA PHE B 139 -16.08 10.11 1.39
C PHE B 139 -16.63 10.39 0.00
N LEU B 140 -15.75 10.43 -0.99
CA LEU B 140 -16.13 10.54 -2.39
C LEU B 140 -15.77 9.17 -2.98
N ASN B 141 -16.78 8.35 -3.26
CA ASN B 141 -16.55 6.95 -3.59
C ASN B 141 -16.82 6.56 -5.05
N ASN B 142 -16.00 5.63 -5.54
CA ASN B 142 -16.23 4.91 -6.81
C ASN B 142 -16.35 5.79 -8.03
N PHE B 143 -15.34 6.61 -8.24
CA PHE B 143 -15.32 7.48 -9.40
C PHE B 143 -14.14 7.15 -10.30
N TYR B 144 -14.24 7.60 -11.54
CA TYR B 144 -13.17 7.49 -12.51
C TYR B 144 -13.32 8.61 -13.52
N PRO B 145 -12.22 9.28 -13.91
CA PRO B 145 -10.80 9.11 -13.53
C PRO B 145 -10.45 9.70 -12.13
N LYS B 146 -9.18 9.53 -11.77
CA LYS B 146 -8.73 9.84 -10.44
C LYS B 146 -8.93 11.31 -10.02
N ASP B 147 -8.82 12.24 -10.96
CA ASP B 147 -8.70 13.67 -10.61
C ASP B 147 -10.04 14.08 -10.09
N ILE B 148 -10.07 14.79 -8.97
CA ILE B 148 -11.33 15.26 -8.42
C ILE B 148 -11.06 16.42 -7.48
N ASN B 149 -12.05 17.28 -7.27
CA ASN B 149 -11.89 18.39 -6.33
C ASN B 149 -13.01 18.36 -5.33
N VAL B 150 -12.68 18.78 -4.13
CA VAL B 150 -13.66 18.84 -3.05
C VAL B 150 -13.64 20.25 -2.52
N LYS B 151 -14.79 20.77 -2.10
CA LYS B 151 -14.78 21.98 -1.29
C LYS B 151 -15.73 21.85 -0.10
N TRP B 152 -15.35 22.49 0.99
CA TRP B 152 -16.08 22.43 2.23
C TRP B 152 -16.74 23.78 2.49
N LYS B 153 -17.97 23.76 2.98
CA LYS B 153 -18.58 24.98 3.51
C LYS B 153 -19.18 24.83 4.89
N ILE B 154 -19.01 25.88 5.70
CA ILE B 154 -19.57 25.97 7.03
C ILE B 154 -20.57 27.14 7.01
N ASP B 155 -21.86 26.82 7.20
CA ASP B 155 -22.95 27.80 7.07
C ASP B 155 -22.88 28.59 5.77
N GLY B 156 -22.61 27.90 4.66
CA GLY B 156 -22.55 28.51 3.33
C GLY B 156 -21.22 29.17 2.95
N SER B 157 -20.30 29.32 3.90
CA SER B 157 -19.04 30.02 3.64
C SER B 157 -17.89 29.00 3.43
N GLU B 158 -17.14 29.19 2.34
CA GLU B 158 -16.08 28.23 1.95
C GLU B 158 -14.90 28.24 2.90
N ARG B 159 -14.44 27.05 3.27
CA ARG B 159 -13.39 26.90 4.26
C ARG B 159 -12.18 26.24 3.59
N GLN B 160 -11.02 26.88 3.67
CA GLN B 160 -9.79 26.43 2.96
C GLN B 160 -8.94 25.55 3.84
N ASN B 161 -8.61 26.08 5.01
CA ASN B 161 -7.65 25.47 5.94
C ASN B 161 -8.25 24.32 6.72
N GLY B 162 -7.40 23.41 7.13
CA GLY B 162 -7.80 22.26 7.94
C GLY B 162 -8.19 21.07 7.09
N VAL B 163 -8.05 21.19 5.77
CA VAL B 163 -8.52 20.15 4.83
C VAL B 163 -7.38 19.23 4.40
N LEU B 164 -7.57 17.92 4.58
CA LEU B 164 -6.64 16.94 4.02
C LEU B 164 -7.40 15.86 3.30
N ASN B 165 -6.89 15.48 2.14
CA ASN B 165 -7.54 14.54 1.23
C ASN B 165 -6.60 13.35 0.93
N SER B 166 -7.16 12.15 0.88
CA SER B 166 -6.38 10.94 0.67
C SER B 166 -7.11 10.05 -0.30
N TRP B 167 -6.45 9.65 -1.37
CA TRP B 167 -7.07 8.79 -2.40
C TRP B 167 -6.71 7.34 -2.15
N THR B 168 -7.65 6.44 -2.44
CA THR B 168 -7.37 5.01 -2.45
C THR B 168 -6.54 4.58 -3.66
N ASP B 169 -6.04 3.35 -3.60
CA ASP B 169 -5.45 2.69 -4.77
C ASP B 169 -6.59 2.13 -5.61
N GLN B 170 -6.47 2.25 -6.93
CA GLN B 170 -7.51 1.82 -7.84
C GLN B 170 -8.02 0.45 -7.45
N ASN B 171 -9.32 0.29 -7.42
CA ASN B 171 -9.92 -0.91 -6.86
C ASN B 171 -9.70 -2.04 -7.84
N SER B 172 -9.29 -3.19 -7.35
CA SER B 172 -8.94 -4.29 -8.23
C SER B 172 -10.14 -5.03 -8.79
N LYS B 173 -11.35 -4.65 -8.35
CA LYS B 173 -12.59 -5.22 -8.86
C LYS B 173 -13.36 -4.33 -9.86
N ASP B 174 -13.63 -3.06 -9.51
CA ASP B 174 -14.42 -2.19 -10.39
C ASP B 174 -13.60 -1.07 -11.04
N SER B 175 -12.30 -1.05 -10.75
CA SER B 175 -11.37 -0.15 -11.37
C SER B 175 -11.66 1.31 -11.08
N THR B 176 -12.31 1.59 -9.96
CA THR B 176 -12.61 2.96 -9.52
C THR B 176 -11.63 3.38 -8.43
N TYR B 177 -11.60 4.69 -8.20
CA TYR B 177 -10.90 5.30 -7.09
C TYR B 177 -11.93 5.85 -6.09
N SER B 178 -11.49 5.96 -4.84
CA SER B 178 -12.22 6.72 -3.84
C SER B 178 -11.29 7.70 -3.18
N MET B 179 -11.86 8.67 -2.46
CA MET B 179 -11.04 9.50 -1.63
C MET B 179 -11.77 10.10 -0.44
N SER B 180 -11.01 10.33 0.62
CA SER B 180 -11.55 10.88 1.85
C SER B 180 -11.11 12.31 1.89
N SER B 181 -11.98 13.18 2.37
CA SER B 181 -11.59 14.55 2.63
C SER B 181 -11.97 14.79 4.06
N THR B 182 -11.02 15.25 4.87
CA THR B 182 -11.27 15.44 6.30
C THR B 182 -11.01 16.90 6.68
N LEU B 183 -12.02 17.50 7.31
CA LEU B 183 -11.91 18.87 7.78
C LEU B 183 -11.69 18.84 9.28
N THR B 184 -10.53 19.31 9.72
CA THR B 184 -10.21 19.27 11.14
C THR B 184 -10.44 20.65 11.78
N LEU B 185 -11.30 20.66 12.81
CA LEU B 185 -11.61 21.86 13.57
C LEU B 185 -11.40 21.60 15.03
N THR B 186 -11.36 22.69 15.82
CA THR B 186 -11.50 22.58 17.26
C THR B 186 -12.96 22.38 17.56
N LYS B 187 -13.25 21.71 18.66
CA LYS B 187 -14.61 21.49 19.10
C LYS B 187 -15.38 22.80 19.21
N ASP B 188 -14.71 23.83 19.74
CA ASP B 188 -15.40 25.07 20.05
C ASP B 188 -15.81 25.76 18.77
N GLU B 189 -14.97 25.72 17.73
CA GLU B 189 -15.39 26.25 16.44
C GLU B 189 -16.49 25.39 15.80
N TYR B 190 -16.33 24.07 15.83
CA TYR B 190 -17.37 23.19 15.30
C TYR B 190 -18.74 23.55 15.90
N GLU B 191 -18.77 23.72 17.22
CA GLU B 191 -20.01 23.87 17.95
C GLU B 191 -20.71 25.21 17.75
N ARG B 192 -19.98 26.17 17.19
CA ARG B 192 -20.51 27.49 16.90
C ARG B 192 -21.23 27.59 15.56
N HIS B 193 -21.52 26.46 14.88
CA HIS B 193 -22.10 26.49 13.55
C HIS B 193 -23.14 25.41 13.34
N ASN B 194 -23.91 25.55 12.26
CA ASN B 194 -25.08 24.73 12.03
C ASN B 194 -24.92 23.72 10.91
N SER B 195 -24.68 24.22 9.69
CA SER B 195 -24.69 23.37 8.50
C SER B 195 -23.28 23.14 7.95
N TYR B 196 -22.97 21.90 7.64
CA TYR B 196 -21.66 21.56 7.11
C TYR B 196 -21.84 20.91 5.77
N THR B 197 -21.05 21.35 4.79
CA THR B 197 -21.25 20.99 3.41
C THR B 197 -19.98 20.47 2.73
N CYS B 198 -20.13 19.32 2.09
CA CYS B 198 -19.08 18.73 1.29
C CYS B 198 -19.52 18.77 -0.19
N GLU B 199 -18.80 19.54 -1.02
CA GLU B 199 -19.08 19.63 -2.48
C GLU B 199 -17.97 18.98 -3.34
N ALA B 200 -18.34 17.93 -4.05
CA ALA B 200 -17.43 17.26 -4.96
C ALA B 200 -17.63 17.78 -6.39
N THR B 201 -16.54 18.18 -7.03
CA THR B 201 -16.55 18.54 -8.42
C THR B 201 -15.66 17.56 -9.16
N HIS B 202 -16.28 16.80 -10.05
CA HIS B 202 -15.60 15.80 -10.85
C HIS B 202 -15.82 16.13 -12.30
N LYS B 203 -14.80 15.94 -13.12
CA LYS B 203 -14.88 16.28 -14.55
C LYS B 203 -16.11 15.67 -15.25
N THR B 204 -16.66 14.57 -14.73
CA THR B 204 -17.91 13.96 -15.24
C THR B 204 -19.11 14.92 -15.29
N SER B 205 -19.14 15.96 -14.45
CA SER B 205 -20.15 17.00 -14.60
C SER B 205 -19.78 18.39 -14.10
N THR B 206 -20.46 19.37 -14.68
CA THR B 206 -20.30 20.77 -14.26
C THR B 206 -20.91 20.97 -12.86
N SER B 207 -22.02 20.28 -12.59
CA SER B 207 -22.69 20.46 -11.32
C SER B 207 -22.04 19.60 -10.20
N PRO B 208 -21.61 20.26 -9.10
CA PRO B 208 -21.08 19.50 -7.96
C PRO B 208 -22.07 18.49 -7.40
N ILE B 209 -21.55 17.47 -6.72
CA ILE B 209 -22.36 16.55 -5.94
C ILE B 209 -22.18 17.03 -4.51
N VAL B 210 -23.30 17.36 -3.87
CA VAL B 210 -23.31 18.04 -2.58
C VAL B 210 -23.94 17.14 -1.54
N LYS B 211 -23.30 17.09 -0.37
CA LYS B 211 -23.90 16.48 0.81
C LYS B 211 -23.69 17.41 2.01
N SER B 212 -24.69 17.42 2.88
CA SER B 212 -24.72 18.33 4.01
C SER B 212 -25.37 17.67 5.24
N PHE B 213 -25.09 18.26 6.40
CA PHE B 213 -25.85 17.97 7.61
C PHE B 213 -26.00 19.27 8.39
N ASN B 214 -26.99 19.28 9.27
CA ASN B 214 -27.27 20.40 10.19
C ASN B 214 -27.15 19.95 11.61
N ARG B 215 -26.61 20.81 12.45
CA ARG B 215 -26.49 20.53 13.87
C ARG B 215 -27.73 20.93 14.66
N ASN B 216 -28.63 21.67 14.03
CA ASN B 216 -29.67 22.39 14.79
C ASN B 216 -30.99 21.70 15.14
N GLU B 217 -31.24 20.48 14.63
CA GLU B 217 -32.51 19.78 14.85
C GLU B 217 -32.29 18.53 15.73
N CYS B 218 -32.17 17.37 15.11
CA CYS B 218 -31.89 16.15 15.83
C CYS B 218 -30.45 16.18 16.28
#